data_6BW1
#
_entry.id   6BW1
#
_cell.length_a   79.040
_cell.length_b   89.270
_cell.length_c   100.430
_cell.angle_alpha   90.00
_cell.angle_beta   90.00
_cell.angle_gamma   90.00
#
_symmetry.space_group_name_H-M   'P 21 21 21'
#
loop_
_entity.id
_entity.type
_entity.pdbx_description
1 polymer 'Protein W'
2 polymer 'Importin subunit alpha-1'
3 water water
#
loop_
_entity_poly.entity_id
_entity_poly.type
_entity_poly.pdbx_seq_one_letter_code
_entity_poly.pdbx_strand_id
1 'polypeptide(L)' SRSLNMLGRKTCLGRRVVQPGMFADYPPTKKARVLLRRMSN C
2 'polypeptide(L)'
;MHHHHHHSSGLVPRGSGMLETAAALFERNHMDSPDLGTDDDDLAMADIGSNQGTVNWSVEDIVKGINSNNLESQLQATQA
ARKLLSREKQPPIDNIIRAGLIPKFVSFLGKTDCSPIQFESAWALTNIASGTSEQTKAVVDGGAIPAFISLLASPHAHIS
EQAVWALGNIAGDGSAFRDLVIKHGAIDPLLALLAVPDLSTLACGYLRNLTWTLSNLCRNKNPAPPLDAVEQILPTLVRL
LHHNDPEVLADSCWAISYLTDGPNERIEMVVKKGVVPQLVKLLGATELPIVTPALRAIGNIVTGTDEQTQKVIDAGALAV
FPSLLTNPKTNIQKEATWTMSNITAGRQDQIQQVVNHGLVPFLVGVLSKADFKTQKEAAWAITNYTSGGTVEQIVYLVHC
GIIEPLMNLLSAKDTKIIQVILDAISNIFQAAEKLGETEKLSIMIEECGGLDKIEALQRHENESVYKASLNLIEKYFSVE
EEEDQNVVPETTSEGFAFQVQDGAPGTFNF
;
E
#
# COMPACT_ATOMS: atom_id res chain seq x y z
N PRO A 27 1.54 -6.53 1.37
CA PRO A 27 1.09 -7.91 1.53
C PRO A 27 1.35 -8.72 0.27
N PRO A 28 1.18 -10.04 0.36
CA PRO A 28 1.42 -10.88 -0.81
C PRO A 28 0.22 -10.87 -1.73
N THR A 29 0.49 -10.84 -3.03
CA THR A 29 -0.60 -10.97 -4.00
C THR A 29 -1.26 -12.33 -3.89
N LYS A 30 -0.48 -13.37 -3.66
CA LYS A 30 -0.96 -14.74 -3.57
C LYS A 30 -0.26 -15.43 -2.42
N LYS A 31 -0.89 -16.49 -1.91
CA LYS A 31 -0.26 -17.29 -0.87
C LYS A 31 -0.75 -18.73 -0.98
N ALA A 32 0.20 -19.65 -0.84
CA ALA A 32 -0.12 -21.06 -0.81
C ALA A 32 -0.52 -21.49 0.60
N ARG A 33 -1.32 -22.54 0.68
CA ARG A 33 -1.65 -23.13 1.97
C ARG A 33 -0.69 -24.27 2.24
N VAL A 34 0.12 -24.13 3.29
CA VAL A 34 1.08 -25.14 3.68
C VAL A 34 0.68 -25.72 5.04
N GLY B 53 -2.13 -43.70 3.78
CA GLY B 53 -0.83 -43.22 3.36
C GLY B 53 -0.88 -42.47 2.04
N THR B 54 -1.13 -41.16 2.11
CA THR B 54 -1.18 -40.30 0.93
C THR B 54 0.06 -39.42 0.82
N VAL B 55 1.16 -39.79 1.48
CA VAL B 55 2.36 -38.97 1.52
C VAL B 55 3.33 -39.44 0.44
N ASN B 56 3.87 -38.48 -0.31
CA ASN B 56 4.98 -38.72 -1.25
C ASN B 56 4.57 -39.55 -2.46
N TRP B 57 3.32 -39.45 -2.90
CA TRP B 57 2.95 -40.12 -4.14
C TRP B 57 3.67 -39.50 -5.33
N SER B 58 3.79 -40.29 -6.39
CA SER B 58 4.25 -39.78 -7.67
C SER B 58 3.07 -39.19 -8.44
N VAL B 59 3.37 -38.25 -9.33
CA VAL B 59 2.34 -37.69 -10.18
C VAL B 59 1.63 -38.80 -10.95
N GLU B 60 2.39 -39.82 -11.36
CA GLU B 60 1.81 -40.93 -12.11
C GLU B 60 0.77 -41.68 -11.27
N ASP B 61 1.09 -41.96 -10.01
CA ASP B 61 0.13 -42.62 -9.13
C ASP B 61 -1.10 -41.75 -8.91
N ILE B 62 -0.90 -40.44 -8.74
CA ILE B 62 -2.03 -39.53 -8.58
C ILE B 62 -2.95 -39.62 -9.79
N VAL B 63 -2.36 -39.58 -10.98
CA VAL B 63 -3.16 -39.66 -12.20
C VAL B 63 -3.92 -40.98 -12.25
N LYS B 64 -3.24 -42.07 -11.92
CA LYS B 64 -3.90 -43.37 -11.90
C LYS B 64 -5.12 -43.35 -11.00
N GLY B 65 -4.97 -42.81 -9.78
CA GLY B 65 -6.07 -42.80 -8.84
C GLY B 65 -7.21 -41.89 -9.28
N ILE B 66 -6.88 -40.73 -9.83
CA ILE B 66 -7.91 -39.79 -10.25
C ILE B 66 -8.65 -40.30 -11.47
N ASN B 67 -7.99 -41.08 -12.32
CA ASN B 67 -8.63 -41.65 -13.50
C ASN B 67 -9.37 -42.94 -13.21
N SER B 68 -9.31 -43.45 -11.99
CA SER B 68 -10.08 -44.63 -11.64
C SER B 68 -11.58 -44.32 -11.65
N ASN B 69 -12.39 -45.36 -11.72
CA ASN B 69 -13.84 -45.21 -11.63
C ASN B 69 -14.33 -45.42 -10.20
N ASN B 70 -13.62 -44.82 -9.26
CA ASN B 70 -13.85 -45.07 -7.83
C ASN B 70 -13.66 -43.76 -7.08
N LEU B 71 -14.78 -43.22 -6.56
CA LEU B 71 -14.74 -41.92 -5.91
C LEU B 71 -13.75 -41.90 -4.74
N GLU B 72 -13.64 -43.00 -4.01
CA GLU B 72 -12.72 -43.03 -2.88
C GLU B 72 -11.27 -43.05 -3.35
N SER B 73 -10.98 -43.82 -4.41
CA SER B 73 -9.63 -43.78 -4.98
C SER B 73 -9.31 -42.38 -5.47
N GLN B 74 -10.27 -41.72 -6.11
CA GLN B 74 -10.07 -40.34 -6.56
C GLN B 74 -9.80 -39.42 -5.39
N LEU B 75 -10.53 -39.60 -4.28
CA LEU B 75 -10.32 -38.77 -3.10
C LEU B 75 -8.91 -38.98 -2.55
N GLN B 76 -8.48 -40.23 -2.42
CA GLN B 76 -7.14 -40.49 -1.89
C GLN B 76 -6.09 -39.86 -2.79
N ALA B 77 -6.27 -39.97 -4.11
CA ALA B 77 -5.29 -39.40 -5.04
C ALA B 77 -5.31 -37.88 -4.98
N THR B 78 -6.49 -37.28 -4.82
CA THR B 78 -6.57 -35.83 -4.73
C THR B 78 -5.90 -35.32 -3.46
N GLN B 79 -6.07 -36.04 -2.34
CA GLN B 79 -5.37 -35.66 -1.13
C GLN B 79 -3.86 -35.82 -1.30
N ALA B 80 -3.42 -36.87 -1.98
CA ALA B 80 -2.00 -37.02 -2.28
C ALA B 80 -1.47 -35.83 -3.08
N ALA B 81 -2.25 -35.39 -4.07
CA ALA B 81 -1.88 -34.20 -4.83
C ALA B 81 -1.80 -32.98 -3.93
N ARG B 82 -2.81 -32.79 -3.08
CA ARG B 82 -2.81 -31.68 -2.14
C ARG B 82 -1.56 -31.68 -1.28
N LYS B 83 -1.10 -32.87 -0.88
CA LYS B 83 0.07 -32.95 -0.02
C LYS B 83 1.34 -32.66 -0.79
N LEU B 84 1.42 -33.10 -2.05
CA LEU B 84 2.53 -32.67 -2.90
C LEU B 84 2.57 -31.15 -3.04
N LEU B 85 1.41 -30.55 -3.33
CA LEU B 85 1.33 -29.12 -3.65
C LEU B 85 1.51 -28.24 -2.43
N SER B 86 1.48 -28.79 -1.22
CA SER B 86 1.56 -27.99 0.00
C SER B 86 2.90 -28.17 0.71
N ARG B 87 3.91 -28.67 0.01
CA ARG B 87 5.27 -28.68 0.54
C ARG B 87 5.98 -27.40 0.10
N GLU B 88 6.71 -26.80 1.04
CA GLU B 88 7.39 -25.54 0.76
C GLU B 88 8.56 -25.71 -0.20
N LYS B 89 9.06 -26.93 -0.38
CA LYS B 89 10.25 -27.18 -1.19
C LYS B 89 9.83 -27.50 -2.62
N GLN B 90 9.67 -26.45 -3.43
CA GLN B 90 9.48 -26.60 -4.87
C GLN B 90 8.29 -27.50 -5.20
N PRO B 91 7.07 -27.11 -4.87
CA PRO B 91 5.91 -27.96 -5.18
C PRO B 91 5.78 -28.17 -6.68
N PRO B 92 5.44 -29.39 -7.12
CA PRO B 92 5.41 -29.68 -8.57
C PRO B 92 4.14 -29.19 -9.25
N ILE B 93 3.95 -27.86 -9.24
CA ILE B 93 2.75 -27.28 -9.85
C ILE B 93 2.69 -27.60 -11.33
N ASP B 94 3.81 -27.40 -12.05
CA ASP B 94 3.77 -27.56 -13.49
C ASP B 94 3.57 -29.01 -13.88
N ASN B 95 4.12 -29.96 -13.12
CA ASN B 95 3.89 -31.37 -13.40
C ASN B 95 2.41 -31.71 -13.20
N ILE B 96 1.80 -31.18 -12.15
CA ILE B 96 0.37 -31.40 -11.91
C ILE B 96 -0.45 -30.85 -13.07
N ILE B 97 -0.12 -29.64 -13.52
CA ILE B 97 -0.85 -29.05 -14.65
C ILE B 97 -0.68 -29.90 -15.90
N ARG B 98 0.57 -30.26 -16.22
CA ARG B 98 0.86 -30.99 -17.45
C ARG B 98 0.16 -32.35 -17.47
N ALA B 99 -0.02 -32.96 -16.30
CA ALA B 99 -0.78 -34.21 -16.24
C ALA B 99 -2.27 -34.02 -16.52
N GLY B 100 -2.72 -32.78 -16.73
CA GLY B 100 -4.11 -32.53 -17.06
C GLY B 100 -5.08 -32.67 -15.90
N LEU B 101 -4.62 -32.42 -14.67
CA LEU B 101 -5.44 -32.70 -13.50
C LEU B 101 -6.37 -31.56 -13.11
N ILE B 102 -6.15 -30.34 -13.59
CA ILE B 102 -6.97 -29.21 -13.16
C ILE B 102 -8.45 -29.44 -13.46
N PRO B 103 -8.85 -29.86 -14.67
CA PRO B 103 -10.29 -30.06 -14.90
C PRO B 103 -10.91 -31.09 -13.97
N LYS B 104 -10.16 -32.14 -13.61
CA LYS B 104 -10.67 -33.11 -12.64
C LYS B 104 -10.90 -32.45 -11.28
N PHE B 105 -9.93 -31.67 -10.80
CA PHE B 105 -10.09 -30.97 -9.53
C PHE B 105 -11.31 -30.05 -9.57
N VAL B 106 -11.45 -29.29 -10.67
CA VAL B 106 -12.57 -28.37 -10.78
C VAL B 106 -13.89 -29.12 -10.73
N SER B 107 -13.97 -30.27 -11.40
CA SER B 107 -15.20 -31.04 -11.35
C SER B 107 -15.44 -31.62 -9.97
N PHE B 108 -14.37 -31.96 -9.23
CA PHE B 108 -14.55 -32.41 -7.86
C PHE B 108 -15.07 -31.30 -6.97
N LEU B 109 -14.80 -30.04 -7.31
CA LEU B 109 -15.35 -28.94 -6.53
C LEU B 109 -16.87 -29.03 -6.45
N GLY B 110 -17.51 -29.63 -7.45
CA GLY B 110 -18.96 -29.70 -7.51
C GLY B 110 -19.60 -30.92 -6.88
N LYS B 111 -18.82 -31.82 -6.28
CA LYS B 111 -19.36 -33.06 -5.72
C LYS B 111 -19.88 -32.80 -4.31
N THR B 112 -21.10 -32.26 -4.24
CA THR B 112 -21.68 -31.87 -2.96
C THR B 112 -21.87 -33.07 -2.05
N ASP B 113 -22.02 -34.27 -2.62
CA ASP B 113 -22.22 -35.47 -1.82
C ASP B 113 -20.91 -36.03 -1.24
N CYS B 114 -19.76 -35.48 -1.62
CA CYS B 114 -18.46 -35.90 -1.08
C CYS B 114 -17.67 -34.65 -0.68
N SER B 115 -18.05 -34.03 0.44
CA SER B 115 -17.40 -32.79 0.85
C SER B 115 -15.88 -32.94 1.01
N PRO B 116 -15.34 -34.08 1.45
CA PRO B 116 -13.88 -34.16 1.58
C PRO B 116 -13.13 -33.96 0.27
N ILE B 117 -13.65 -34.48 -0.85
CA ILE B 117 -12.94 -34.29 -2.10
C ILE B 117 -13.10 -32.86 -2.59
N GLN B 118 -14.25 -32.24 -2.31
CA GLN B 118 -14.38 -30.79 -2.51
C GLN B 118 -13.24 -30.06 -1.82
N PHE B 119 -13.00 -30.40 -0.55
CA PHE B 119 -12.00 -29.69 0.24
C PHE B 119 -10.59 -29.94 -0.31
N GLU B 120 -10.27 -31.20 -0.59
CA GLU B 120 -8.92 -31.53 -1.06
C GLU B 120 -8.64 -30.87 -2.41
N SER B 121 -9.62 -30.92 -3.33
CA SER B 121 -9.42 -30.31 -4.63
C SER B 121 -9.37 -28.79 -4.52
N ALA B 122 -10.17 -28.21 -3.63
CA ALA B 122 -10.10 -26.77 -3.38
C ALA B 122 -8.71 -26.37 -2.91
N TRP B 123 -8.12 -27.16 -2.02
CA TRP B 123 -6.80 -26.85 -1.49
C TRP B 123 -5.73 -27.00 -2.58
N ALA B 124 -5.78 -28.10 -3.33
CA ALA B 124 -4.83 -28.31 -4.43
C ALA B 124 -4.91 -27.15 -5.42
N LEU B 125 -6.12 -26.76 -5.80
CA LEU B 125 -6.27 -25.68 -6.77
C LEU B 125 -5.84 -24.34 -6.17
N THR B 126 -6.10 -24.12 -4.89
CA THR B 126 -5.61 -22.93 -4.22
C THR B 126 -4.11 -22.82 -4.41
N ASN B 127 -3.40 -23.93 -4.17
CA ASN B 127 -1.95 -23.87 -4.21
C ASN B 127 -1.43 -23.74 -5.63
N ILE B 128 -2.12 -24.34 -6.61
CA ILE B 128 -1.75 -24.08 -8.00
C ILE B 128 -1.93 -22.61 -8.34
N ALA B 129 -3.09 -22.05 -8.00
CA ALA B 129 -3.40 -20.65 -8.29
C ALA B 129 -2.52 -19.69 -7.51
N SER B 130 -1.80 -20.14 -6.49
CA SER B 130 -0.89 -19.29 -5.75
C SER B 130 0.42 -19.05 -6.48
N GLY B 131 0.62 -19.67 -7.64
CA GLY B 131 1.90 -19.60 -8.32
C GLY B 131 1.98 -18.45 -9.32
N THR B 132 2.62 -18.73 -10.45
CA THR B 132 2.82 -17.71 -11.48
C THR B 132 1.48 -17.34 -12.12
N SER B 133 1.49 -16.23 -12.86
CA SER B 133 0.29 -15.84 -13.59
C SER B 133 -0.15 -16.92 -14.56
N GLU B 134 0.79 -17.67 -15.14
CA GLU B 134 0.42 -18.75 -16.04
C GLU B 134 -0.26 -19.89 -15.28
N GLN B 135 0.18 -20.16 -14.06
CA GLN B 135 -0.42 -21.22 -13.26
C GLN B 135 -1.82 -20.81 -12.76
N THR B 136 -1.94 -19.59 -12.25
CA THR B 136 -3.26 -19.05 -11.92
C THR B 136 -4.17 -19.10 -13.15
N LYS B 137 -3.63 -18.73 -14.31
CA LYS B 137 -4.42 -18.77 -15.53
C LYS B 137 -4.88 -20.19 -15.83
N ALA B 138 -4.01 -21.18 -15.60
CA ALA B 138 -4.42 -22.56 -15.78
C ALA B 138 -5.63 -22.87 -14.92
N VAL B 139 -5.62 -22.42 -13.67
CA VAL B 139 -6.77 -22.70 -12.79
C VAL B 139 -8.02 -22.01 -13.34
N VAL B 140 -7.89 -20.74 -13.74
CA VAL B 140 -9.05 -20.00 -14.25
C VAL B 140 -9.60 -20.67 -15.52
N ASP B 141 -8.70 -21.08 -16.42
CA ASP B 141 -9.12 -21.68 -17.69
C ASP B 141 -9.87 -22.98 -17.48
N GLY B 142 -9.69 -23.64 -16.35
CA GLY B 142 -10.43 -24.85 -16.03
C GLY B 142 -11.83 -24.64 -15.52
N GLY B 143 -12.29 -23.39 -15.43
CA GLY B 143 -13.61 -23.09 -14.94
C GLY B 143 -13.73 -22.92 -13.44
N ALA B 144 -12.61 -22.67 -12.75
CA ALA B 144 -12.61 -22.72 -11.29
C ALA B 144 -13.38 -21.56 -10.65
N ILE B 145 -13.49 -20.41 -11.32
CA ILE B 145 -14.06 -19.24 -10.66
C ILE B 145 -15.50 -19.50 -10.23
N PRO B 146 -16.41 -19.84 -11.15
CA PRO B 146 -17.80 -20.07 -10.72
C PRO B 146 -17.94 -21.22 -9.75
N ALA B 147 -17.10 -22.26 -9.88
CA ALA B 147 -17.16 -23.38 -8.95
C ALA B 147 -16.80 -22.96 -7.53
N PHE B 148 -15.75 -22.14 -7.39
CA PHE B 148 -15.39 -21.64 -6.07
C PHE B 148 -16.46 -20.71 -5.51
N ILE B 149 -17.02 -19.86 -6.37
CA ILE B 149 -18.09 -18.97 -5.90
C ILE B 149 -19.27 -19.80 -5.40
N SER B 150 -19.61 -20.89 -6.09
CA SER B 150 -20.63 -21.79 -5.59
C SER B 150 -20.24 -22.37 -4.24
N LEU B 151 -18.98 -22.76 -4.09
CA LEU B 151 -18.54 -23.32 -2.80
C LEU B 151 -18.59 -22.31 -1.68
N LEU B 152 -18.64 -21.01 -1.98
CA LEU B 152 -18.75 -20.04 -0.89
C LEU B 152 -19.97 -20.31 -0.03
N ALA B 153 -21.00 -20.95 -0.59
CA ALA B 153 -22.22 -21.25 0.15
C ALA B 153 -22.17 -22.59 0.88
N SER B 154 -21.04 -23.28 0.86
CA SER B 154 -20.97 -24.59 1.47
C SER B 154 -21.34 -24.50 2.96
N PRO B 155 -22.05 -25.50 3.50
CA PRO B 155 -22.30 -25.52 4.95
C PRO B 155 -21.08 -25.89 5.76
N HIS B 156 -19.99 -26.33 5.13
CA HIS B 156 -18.75 -26.67 5.83
C HIS B 156 -17.82 -25.46 5.79
N ALA B 157 -17.51 -24.92 6.98
CA ALA B 157 -16.75 -23.69 7.03
C ALA B 157 -15.36 -23.84 6.44
N HIS B 158 -14.73 -25.00 6.62
CA HIS B 158 -13.37 -25.15 6.10
C HIS B 158 -13.38 -25.14 4.57
N ILE B 159 -14.46 -25.60 3.95
CA ILE B 159 -14.56 -25.61 2.50
C ILE B 159 -14.80 -24.21 1.95
N SER B 160 -15.76 -23.48 2.54
CA SER B 160 -15.99 -22.11 2.09
C SER B 160 -14.77 -21.25 2.34
N GLU B 161 -14.06 -21.49 3.44
CA GLU B 161 -12.80 -20.80 3.68
C GLU B 161 -11.81 -21.07 2.54
N GLN B 162 -11.69 -22.34 2.15
CA GLN B 162 -10.75 -22.65 1.08
C GLN B 162 -11.15 -21.96 -0.22
N ALA B 163 -12.46 -21.86 -0.48
CA ALA B 163 -12.91 -21.15 -1.68
C ALA B 163 -12.57 -19.67 -1.60
N VAL B 164 -12.76 -19.06 -0.42
CA VAL B 164 -12.37 -17.66 -0.22
C VAL B 164 -10.90 -17.49 -0.57
N TRP B 165 -10.06 -18.38 -0.03
CA TRP B 165 -8.62 -18.31 -0.24
C TRP B 165 -8.28 -18.39 -1.73
N ALA B 166 -8.88 -19.37 -2.42
CA ALA B 166 -8.60 -19.56 -3.84
C ALA B 166 -8.98 -18.32 -4.64
N LEU B 167 -10.17 -17.78 -4.39
CA LEU B 167 -10.59 -16.57 -5.08
C LEU B 167 -9.66 -15.40 -4.76
N GLY B 168 -9.10 -15.38 -3.54
CA GLY B 168 -8.13 -14.35 -3.21
C GLY B 168 -6.89 -14.44 -4.08
N ASN B 169 -6.37 -15.65 -4.27
CA ASN B 169 -5.21 -15.81 -5.15
C ASN B 169 -5.54 -15.38 -6.57
N ILE B 170 -6.69 -15.84 -7.08
CA ILE B 170 -7.08 -15.54 -8.46
C ILE B 170 -7.19 -14.02 -8.64
N ALA B 171 -7.94 -13.36 -7.78
CA ALA B 171 -8.07 -11.91 -7.87
C ALA B 171 -6.73 -11.22 -7.66
N GLY B 172 -5.85 -11.80 -6.84
CA GLY B 172 -4.56 -11.19 -6.61
C GLY B 172 -3.63 -11.26 -7.79
N ASP B 173 -3.93 -12.10 -8.77
CA ASP B 173 -3.11 -12.10 -9.98
C ASP B 173 -3.06 -10.72 -10.65
N GLY B 174 -4.15 -9.97 -10.63
CA GLY B 174 -4.13 -8.67 -11.27
C GLY B 174 -5.53 -8.19 -11.63
N SER B 175 -5.54 -7.05 -12.33
CA SER B 175 -6.77 -6.33 -12.60
C SER B 175 -7.78 -7.19 -13.35
N ALA B 176 -7.34 -7.89 -14.39
CA ALA B 176 -8.28 -8.61 -15.24
C ALA B 176 -8.95 -9.75 -14.49
N PHE B 177 -8.17 -10.58 -13.79
CA PHE B 177 -8.77 -11.68 -13.04
C PHE B 177 -9.55 -11.17 -11.85
N ARG B 178 -9.12 -10.08 -11.23
CA ARG B 178 -9.92 -9.42 -10.20
C ARG B 178 -11.30 -9.07 -10.73
N ASP B 179 -11.35 -8.37 -11.86
CA ASP B 179 -12.61 -7.93 -12.42
C ASP B 179 -13.43 -9.11 -12.91
N LEU B 180 -12.78 -10.21 -13.33
CA LEU B 180 -13.53 -11.39 -13.77
C LEU B 180 -14.14 -12.11 -12.59
N VAL B 181 -13.42 -12.21 -11.47
CA VAL B 181 -14.00 -12.73 -10.23
C VAL B 181 -15.22 -11.90 -9.86
N ILE B 182 -15.11 -10.57 -9.97
CA ILE B 182 -16.25 -9.71 -9.63
C ILE B 182 -17.42 -9.97 -10.58
N LYS B 183 -17.14 -10.09 -11.88
CA LYS B 183 -18.22 -10.31 -12.85
C LYS B 183 -18.95 -11.61 -12.59
N HIS B 184 -18.23 -12.66 -12.17
CA HIS B 184 -18.88 -13.91 -11.82
C HIS B 184 -19.71 -13.81 -10.54
N GLY B 185 -19.69 -12.68 -9.84
CA GLY B 185 -20.55 -12.47 -8.69
C GLY B 185 -19.99 -12.89 -7.34
N ALA B 186 -18.68 -12.73 -7.12
CA ALA B 186 -18.08 -13.20 -5.87
C ALA B 186 -18.45 -12.31 -4.68
N ILE B 187 -18.73 -11.03 -4.92
CA ILE B 187 -18.77 -10.05 -3.83
C ILE B 187 -19.96 -10.32 -2.90
N ASP B 188 -21.14 -10.57 -3.48
CA ASP B 188 -22.32 -10.82 -2.65
C ASP B 188 -22.11 -11.98 -1.68
N PRO B 189 -21.75 -13.18 -2.12
CA PRO B 189 -21.56 -14.28 -1.16
C PRO B 189 -20.38 -14.04 -0.22
N LEU B 190 -19.29 -13.44 -0.69
CA LEU B 190 -18.21 -13.10 0.24
C LEU B 190 -18.73 -12.23 1.38
N LEU B 191 -19.40 -11.12 1.04
CA LEU B 191 -19.88 -10.22 2.08
C LEU B 191 -20.95 -10.87 2.94
N ALA B 192 -21.76 -11.78 2.37
CA ALA B 192 -22.71 -12.52 3.18
C ALA B 192 -22.01 -13.36 4.23
N LEU B 193 -20.81 -13.86 3.93
CA LEU B 193 -20.09 -14.62 4.96
C LEU B 193 -19.78 -13.76 6.19
N LEU B 194 -19.75 -12.45 6.05
CA LEU B 194 -19.43 -11.55 7.15
C LEU B 194 -20.67 -10.90 7.78
N ALA B 195 -21.87 -11.29 7.33
CA ALA B 195 -23.10 -10.67 7.81
C ALA B 195 -23.54 -11.36 9.12
N VAL B 196 -22.81 -11.04 10.18
CA VAL B 196 -23.11 -11.55 11.52
C VAL B 196 -23.13 -10.37 12.47
N PRO B 197 -23.84 -10.50 13.60
CA PRO B 197 -23.91 -9.36 14.53
C PRO B 197 -22.56 -9.00 15.13
N ASP B 198 -21.71 -9.97 15.42
CA ASP B 198 -20.42 -9.73 16.05
C ASP B 198 -19.36 -10.56 15.35
N LEU B 199 -18.44 -9.90 14.66
CA LEU B 199 -17.37 -10.59 13.96
C LEU B 199 -16.56 -11.50 14.86
N SER B 200 -16.56 -11.25 16.17
CA SER B 200 -15.75 -12.04 17.10
C SER B 200 -16.23 -13.49 17.19
N THR B 201 -17.44 -13.79 16.74
CA THR B 201 -17.90 -15.18 16.76
C THR B 201 -17.37 -16.00 15.59
N LEU B 202 -16.74 -15.37 14.61
CA LEU B 202 -16.13 -16.10 13.51
C LEU B 202 -14.74 -16.56 13.89
N ALA B 203 -14.34 -17.70 13.32
CA ALA B 203 -12.98 -18.19 13.55
C ALA B 203 -11.97 -17.17 13.05
N CYS B 204 -10.91 -16.98 13.85
CA CYS B 204 -9.93 -15.95 13.56
C CYS B 204 -9.30 -16.14 12.17
N GLY B 205 -8.84 -17.36 11.87
CA GLY B 205 -8.23 -17.60 10.57
C GLY B 205 -9.22 -17.41 9.43
N TYR B 206 -10.46 -17.85 9.63
CA TYR B 206 -11.52 -17.62 8.66
C TYR B 206 -11.68 -16.13 8.35
N LEU B 207 -11.81 -15.32 9.39
CA LEU B 207 -12.00 -13.88 9.20
C LEU B 207 -10.78 -13.24 8.54
N ARG B 208 -9.58 -13.69 8.92
CA ARG B 208 -8.37 -13.16 8.30
C ARG B 208 -8.34 -13.46 6.81
N ASN B 209 -8.73 -14.68 6.43
CA ASN B 209 -8.72 -15.03 5.00
C ASN B 209 -9.77 -14.23 4.24
N LEU B 210 -10.95 -14.03 4.84
CA LEU B 210 -11.96 -13.20 4.19
C LEU B 210 -11.46 -11.78 3.98
N THR B 211 -10.87 -11.19 5.03
CA THR B 211 -10.36 -9.82 4.92
C THR B 211 -9.31 -9.73 3.83
N TRP B 212 -8.38 -10.69 3.79
CA TRP B 212 -7.32 -10.67 2.79
C TRP B 212 -7.88 -10.76 1.37
N THR B 213 -8.84 -11.67 1.14
CA THR B 213 -9.41 -11.79 -0.20
C THR B 213 -10.15 -10.51 -0.59
N LEU B 214 -10.86 -9.90 0.36
CA LEU B 214 -11.52 -8.63 0.06
C LEU B 214 -10.51 -7.56 -0.29
N SER B 215 -9.37 -7.54 0.40
CA SER B 215 -8.36 -6.53 0.08
C SER B 215 -7.78 -6.75 -1.31
N ASN B 216 -7.69 -8.01 -1.75
CA ASN B 216 -7.27 -8.26 -3.12
C ASN B 216 -8.33 -7.83 -4.13
N LEU B 217 -9.61 -7.88 -3.76
CA LEU B 217 -10.63 -7.32 -4.65
C LEU B 217 -10.57 -5.81 -4.74
N CYS B 218 -9.95 -5.14 -3.76
CA CYS B 218 -9.75 -3.70 -3.79
C CYS B 218 -8.43 -3.29 -4.43
N ARG B 219 -7.59 -4.26 -4.78
CA ARG B 219 -6.20 -3.99 -5.14
C ARG B 219 -6.03 -3.81 -6.64
N ASN B 220 -4.93 -3.15 -7.00
CA ASN B 220 -4.45 -2.97 -8.37
C ASN B 220 -5.15 -1.82 -9.10
N LYS B 221 -4.47 -1.26 -10.09
CA LYS B 221 -4.93 -0.14 -10.88
C LYS B 221 -4.77 -0.48 -12.36
N ASN B 222 -5.14 0.46 -13.22
CA ASN B 222 -5.07 0.28 -14.66
C ASN B 222 -5.79 -1.01 -15.07
N PRO B 223 -7.11 -1.10 -14.83
CA PRO B 223 -7.91 -0.09 -14.15
C PRO B 223 -8.06 -0.35 -12.65
N ALA B 224 -8.53 0.63 -11.90
CA ALA B 224 -8.95 0.41 -10.53
C ALA B 224 -10.21 -0.46 -10.53
N PRO B 225 -10.60 -0.99 -9.38
CA PRO B 225 -11.80 -1.83 -9.35
C PRO B 225 -13.03 -1.04 -9.74
N PRO B 226 -14.10 -1.71 -10.17
CA PRO B 226 -15.33 -1.00 -10.54
C PRO B 226 -15.89 -0.21 -9.37
N LEU B 227 -16.29 1.03 -9.64
CA LEU B 227 -16.82 1.91 -8.60
C LEU B 227 -17.95 1.26 -7.82
N ASP B 228 -18.87 0.58 -8.51
CA ASP B 228 -19.99 -0.05 -7.80
C ASP B 228 -19.51 -1.18 -6.91
N ALA B 229 -18.48 -1.91 -7.32
CA ALA B 229 -17.92 -2.94 -6.45
C ALA B 229 -17.26 -2.32 -5.21
N VAL B 230 -16.56 -1.19 -5.39
CA VAL B 230 -15.96 -0.50 -4.27
C VAL B 230 -17.03 -0.05 -3.29
N GLU B 231 -18.10 0.54 -3.80
CA GLU B 231 -19.19 0.99 -2.92
C GLU B 231 -19.84 -0.19 -2.22
N GLN B 232 -19.91 -1.34 -2.90
CA GLN B 232 -20.49 -2.54 -2.30
C GLN B 232 -19.62 -3.05 -1.15
N ILE B 233 -18.30 -2.99 -1.32
CA ILE B 233 -17.38 -3.56 -0.33
C ILE B 233 -17.13 -2.61 0.83
N LEU B 234 -17.15 -1.30 0.59
CA LEU B 234 -16.62 -0.36 1.57
C LEU B 234 -17.25 -0.46 2.95
N PRO B 235 -18.58 -0.57 3.11
CA PRO B 235 -19.13 -0.66 4.47
C PRO B 235 -18.55 -1.82 5.28
N THR B 236 -18.35 -2.97 4.63
CA THR B 236 -17.76 -4.11 5.33
C THR B 236 -16.32 -3.81 5.71
N LEU B 237 -15.57 -3.14 4.82
CA LEU B 237 -14.21 -2.73 5.19
C LEU B 237 -14.22 -1.81 6.40
N VAL B 238 -15.17 -0.87 6.44
CA VAL B 238 -15.25 0.02 7.59
C VAL B 238 -15.45 -0.80 8.87
N ARG B 239 -16.36 -1.76 8.82
CA ARG B 239 -16.57 -2.60 10.00
C ARG B 239 -15.31 -3.38 10.37
N LEU B 240 -14.62 -3.94 9.38
CA LEU B 240 -13.41 -4.70 9.66
C LEU B 240 -12.33 -3.82 10.25
N LEU B 241 -12.31 -2.55 9.88
CA LEU B 241 -11.33 -1.59 10.38
C LEU B 241 -11.50 -1.32 11.87
N HIS B 242 -12.61 -1.77 12.46
CA HIS B 242 -12.84 -1.64 13.90
C HIS B 242 -12.74 -2.97 14.63
N HIS B 243 -12.32 -4.03 13.93
CA HIS B 243 -12.11 -5.33 14.57
C HIS B 243 -10.77 -5.33 15.31
N ASN B 244 -10.68 -6.19 16.32
CA ASN B 244 -9.55 -6.14 17.26
C ASN B 244 -8.41 -7.09 16.90
N ASP B 245 -8.45 -7.72 15.72
CA ASP B 245 -7.35 -8.62 15.36
C ASP B 245 -6.28 -7.87 14.56
N PRO B 246 -4.99 -7.99 14.91
CA PRO B 246 -3.97 -7.19 14.20
C PRO B 246 -3.89 -7.48 12.71
N GLU B 247 -4.06 -8.74 12.30
CA GLU B 247 -3.94 -9.06 10.87
C GLU B 247 -5.16 -8.56 10.10
N VAL B 248 -6.35 -8.70 10.68
CA VAL B 248 -7.55 -8.13 10.07
C VAL B 248 -7.38 -6.63 9.90
N LEU B 249 -6.87 -5.95 10.93
CA LEU B 249 -6.68 -4.50 10.85
C LEU B 249 -5.65 -4.15 9.79
N ALA B 250 -4.53 -4.87 9.76
CA ALA B 250 -3.50 -4.61 8.76
C ALA B 250 -4.06 -4.73 7.35
N ASP B 251 -4.78 -5.82 7.07
CA ASP B 251 -5.26 -6.03 5.71
C ASP B 251 -6.40 -5.08 5.36
N SER B 252 -7.21 -4.69 6.34
CA SER B 252 -8.23 -3.67 6.08
C SER B 252 -7.58 -2.33 5.72
N CYS B 253 -6.55 -1.94 6.48
CA CYS B 253 -5.81 -0.73 6.15
C CYS B 253 -5.18 -0.82 4.78
N TRP B 254 -4.67 -2.00 4.40
CA TRP B 254 -4.12 -2.16 3.05
C TRP B 254 -5.19 -1.97 1.99
N ALA B 255 -6.38 -2.53 2.21
CA ALA B 255 -7.49 -2.33 1.27
C ALA B 255 -7.81 -0.86 1.13
N ILE B 256 -7.89 -0.14 2.26
CA ILE B 256 -8.17 1.29 2.21
C ILE B 256 -7.08 2.03 1.46
N SER B 257 -5.82 1.63 1.68
CA SER B 257 -4.71 2.28 0.99
C SER B 257 -4.80 2.05 -0.51
N TYR B 258 -5.22 0.85 -0.92
CA TYR B 258 -5.45 0.60 -2.34
C TYR B 258 -6.52 1.53 -2.88
N LEU B 259 -7.65 1.63 -2.16
CA LEU B 259 -8.77 2.42 -2.64
C LEU B 259 -8.48 3.91 -2.66
N THR B 260 -7.54 4.38 -1.84
CA THR B 260 -7.16 5.79 -1.83
C THR B 260 -6.00 6.08 -2.78
N ASP B 261 -5.44 5.07 -3.42
CA ASP B 261 -4.35 5.25 -4.39
C ASP B 261 -4.98 5.49 -5.76
N GLY B 262 -5.47 6.71 -5.95
CA GLY B 262 -6.12 7.08 -7.18
C GLY B 262 -6.48 8.55 -7.25
N PRO B 263 -7.42 8.90 -8.14
CA PRO B 263 -7.85 10.29 -8.25
C PRO B 263 -8.76 10.69 -7.10
N ASN B 264 -8.96 12.01 -6.97
CA ASN B 264 -9.66 12.55 -5.82
C ASN B 264 -11.05 11.96 -5.64
N GLU B 265 -11.67 11.47 -6.72
CA GLU B 265 -13.01 10.91 -6.60
C GLU B 265 -12.98 9.61 -5.80
N ARG B 266 -11.96 8.77 -6.02
CA ARG B 266 -11.81 7.54 -5.24
C ARG B 266 -11.52 7.87 -3.78
N ILE B 267 -10.55 8.77 -3.55
CA ILE B 267 -10.26 9.25 -2.20
C ILE B 267 -11.55 9.69 -1.52
N GLU B 268 -12.38 10.42 -2.25
CA GLU B 268 -13.62 10.95 -1.68
C GLU B 268 -14.58 9.81 -1.32
N MET B 269 -14.68 8.80 -2.18
CA MET B 269 -15.47 7.63 -1.83
C MET B 269 -15.06 7.12 -0.45
N VAL B 270 -13.75 7.01 -0.21
CA VAL B 270 -13.30 6.47 1.07
C VAL B 270 -13.58 7.46 2.20
N VAL B 271 -13.20 8.72 2.01
CA VAL B 271 -13.28 9.72 3.07
C VAL B 271 -14.73 9.96 3.49
N LYS B 272 -15.68 9.81 2.56
CA LYS B 272 -17.09 10.02 2.89
C LYS B 272 -17.60 9.03 3.92
N LYS B 273 -16.97 7.84 4.01
CA LYS B 273 -17.43 6.84 4.96
C LYS B 273 -16.99 7.16 6.39
N GLY B 274 -16.20 8.21 6.59
CA GLY B 274 -15.83 8.65 7.93
C GLY B 274 -14.73 7.84 8.57
N VAL B 275 -13.85 7.20 7.78
CA VAL B 275 -12.84 6.32 8.32
C VAL B 275 -11.55 7.03 8.73
N VAL B 276 -11.37 8.31 8.38
CA VAL B 276 -10.09 8.97 8.64
C VAL B 276 -9.74 8.95 10.12
N PRO B 277 -10.64 9.27 11.05
CA PRO B 277 -10.28 9.18 12.47
C PRO B 277 -9.78 7.80 12.87
N GLN B 278 -10.42 6.74 12.38
CA GLN B 278 -9.95 5.39 12.70
C GLN B 278 -8.58 5.14 12.10
N LEU B 279 -8.34 5.66 10.89
CA LEU B 279 -7.01 5.52 10.29
C LEU B 279 -5.94 6.22 11.12
N VAL B 280 -6.26 7.41 11.67
CA VAL B 280 -5.31 8.11 12.52
C VAL B 280 -5.03 7.31 13.78
N LYS B 281 -6.11 6.81 14.41
CA LYS B 281 -5.95 5.96 15.59
C LYS B 281 -5.01 4.79 15.28
N LEU B 282 -5.23 4.12 14.15
CA LEU B 282 -4.37 3.00 13.79
C LEU B 282 -2.97 3.47 13.45
N LEU B 283 -2.85 4.69 12.95
CA LEU B 283 -1.54 5.29 12.75
C LEU B 283 -0.76 5.33 14.04
N GLY B 284 -1.47 5.46 15.16
CA GLY B 284 -0.80 5.41 16.45
C GLY B 284 -0.54 4.03 17.03
N ALA B 285 -0.85 2.95 16.32
CA ALA B 285 -0.68 1.61 16.88
C ALA B 285 0.79 1.26 17.09
N THR B 286 1.02 0.21 17.89
CA THR B 286 2.37 -0.28 18.14
C THR B 286 2.81 -1.32 17.12
N GLU B 287 1.86 -2.05 16.54
CA GLU B 287 2.18 -3.07 15.53
C GLU B 287 2.57 -2.37 14.23
N LEU B 288 3.83 -2.53 13.83
CA LEU B 288 4.28 -1.98 12.54
C LEU B 288 3.44 -2.45 11.36
N PRO B 289 2.98 -3.71 11.31
CA PRO B 289 2.14 -4.13 10.18
C PRO B 289 0.83 -3.38 10.09
N ILE B 290 0.40 -2.70 11.15
CA ILE B 290 -0.76 -1.83 11.08
C ILE B 290 -0.38 -0.41 10.71
N VAL B 291 0.67 0.11 11.36
CA VAL B 291 1.09 1.49 11.09
C VAL B 291 1.42 1.67 9.62
N THR B 292 2.11 0.69 9.02
CA THR B 292 2.56 0.87 7.64
C THR B 292 1.40 1.13 6.70
N PRO B 293 0.37 0.28 6.63
CA PRO B 293 -0.76 0.58 5.74
C PRO B 293 -1.60 1.77 6.18
N ALA B 294 -1.75 2.00 7.48
CA ALA B 294 -2.46 3.19 7.93
C ALA B 294 -1.78 4.46 7.43
N LEU B 295 -0.45 4.52 7.53
CA LEU B 295 0.29 5.68 7.05
C LEU B 295 0.21 5.79 5.53
N ARG B 296 0.30 4.66 4.83
CA ARG B 296 0.13 4.68 3.38
C ARG B 296 -1.21 5.31 3.00
N ALA B 297 -2.28 4.87 3.67
CA ALA B 297 -3.61 5.40 3.36
C ALA B 297 -3.70 6.89 3.64
N ILE B 298 -3.18 7.32 4.79
CA ILE B 298 -3.20 8.74 5.12
C ILE B 298 -2.44 9.56 4.07
N GLY B 299 -1.26 9.09 3.66
CA GLY B 299 -0.52 9.80 2.65
C GLY B 299 -1.26 9.89 1.33
N ASN B 300 -1.83 8.76 0.89
CA ASN B 300 -2.66 8.77 -0.32
C ASN B 300 -3.75 9.82 -0.20
N ILE B 301 -4.43 9.86 0.95
CA ILE B 301 -5.53 10.80 1.12
C ILE B 301 -5.04 12.23 0.99
N VAL B 302 -3.87 12.54 1.57
CA VAL B 302 -3.38 13.91 1.48
C VAL B 302 -2.80 14.23 0.12
N THR B 303 -2.68 13.25 -0.79
CA THR B 303 -2.46 13.66 -2.18
C THR B 303 -3.73 14.24 -2.83
N GLY B 304 -4.87 14.22 -2.13
CA GLY B 304 -6.10 14.71 -2.71
C GLY B 304 -6.26 16.22 -2.61
N THR B 305 -7.49 16.68 -2.38
CA THR B 305 -7.77 18.10 -2.28
C THR B 305 -7.36 18.63 -0.91
N ASP B 306 -7.30 19.96 -0.80
CA ASP B 306 -7.00 20.57 0.48
C ASP B 306 -8.08 20.28 1.52
N GLU B 307 -9.32 20.06 1.08
CA GLU B 307 -10.39 19.71 2.01
C GLU B 307 -10.20 18.29 2.57
N GLN B 308 -9.80 17.34 1.72
CA GLN B 308 -9.52 15.98 2.19
C GLN B 308 -8.31 15.96 3.13
N THR B 309 -7.24 16.66 2.75
CA THR B 309 -6.11 16.85 3.65
C THR B 309 -6.58 17.42 4.98
N GLN B 310 -7.46 18.42 4.92
CA GLN B 310 -7.95 19.04 6.15
C GLN B 310 -8.67 18.04 7.01
N LYS B 311 -9.39 17.10 6.41
CA LYS B 311 -10.02 16.05 7.21
C LYS B 311 -8.97 15.21 7.93
N VAL B 312 -7.83 14.95 7.27
CA VAL B 312 -6.75 14.27 7.98
C VAL B 312 -6.28 15.10 9.17
N ILE B 313 -6.04 16.40 8.94
CA ILE B 313 -5.55 17.27 10.00
C ILE B 313 -6.53 17.34 11.16
N ASP B 314 -7.82 17.52 10.86
CA ASP B 314 -8.84 17.62 11.89
C ASP B 314 -8.91 16.37 12.75
N ALA B 315 -8.59 15.20 12.18
CA ALA B 315 -8.62 13.97 12.95
C ALA B 315 -7.46 13.85 13.92
N GLY B 316 -6.51 14.78 13.89
CA GLY B 316 -5.40 14.78 14.84
C GLY B 316 -4.16 14.07 14.36
N ALA B 317 -4.01 13.87 13.05
CA ALA B 317 -2.89 13.07 12.53
C ALA B 317 -1.54 13.69 12.87
N LEU B 318 -1.45 15.01 12.83
CA LEU B 318 -0.14 15.65 12.97
C LEU B 318 0.51 15.33 14.31
N ALA B 319 -0.29 15.11 15.35
CA ALA B 319 0.26 14.82 16.67
C ALA B 319 1.05 13.52 16.70
N VAL B 320 0.89 12.66 15.69
CA VAL B 320 1.64 11.41 15.63
C VAL B 320 2.98 11.57 14.93
N PHE B 321 3.21 12.68 14.25
CA PHE B 321 4.35 12.74 13.35
C PHE B 321 5.69 12.99 14.05
N PRO B 322 5.72 13.47 15.29
CA PRO B 322 7.01 13.44 16.02
C PRO B 322 7.62 12.05 16.07
N SER B 323 6.82 11.03 16.36
CA SER B 323 7.36 9.68 16.40
C SER B 323 7.56 9.12 15.00
N LEU B 324 6.59 9.32 14.09
CA LEU B 324 6.73 8.81 12.74
C LEU B 324 7.99 9.36 12.06
N LEU B 325 8.26 10.65 12.24
CA LEU B 325 9.42 11.25 11.58
C LEU B 325 10.72 10.89 12.28
N THR B 326 10.67 10.23 13.44
CA THR B 326 11.87 9.68 14.07
C THR B 326 11.80 8.16 14.16
N ASN B 327 10.87 7.54 13.44
CA ASN B 327 10.65 6.11 13.59
C ASN B 327 11.92 5.35 13.20
N PRO B 328 12.28 4.29 13.94
CA PRO B 328 13.48 3.52 13.57
C PRO B 328 13.34 2.77 12.26
N LYS B 329 12.12 2.55 11.77
CA LYS B 329 11.92 1.90 10.48
C LYS B 329 12.07 2.94 9.37
N THR B 330 13.06 2.73 8.50
CA THR B 330 13.35 3.68 7.43
C THR B 330 12.12 3.98 6.59
N ASN B 331 11.35 2.94 6.23
CA ASN B 331 10.21 3.16 5.34
C ASN B 331 9.12 3.98 6.01
N ILE B 332 8.93 3.82 7.32
CA ILE B 332 7.97 4.67 8.02
C ILE B 332 8.41 6.13 7.95
N GLN B 333 9.71 6.38 8.17
CA GLN B 333 10.22 7.75 8.08
C GLN B 333 10.00 8.32 6.69
N LYS B 334 10.34 7.54 5.66
CA LYS B 334 10.20 8.01 4.29
C LYS B 334 8.75 8.36 3.99
N GLU B 335 7.82 7.48 4.34
CA GLU B 335 6.42 7.71 4.01
C GLU B 335 5.81 8.82 4.86
N ALA B 336 6.25 8.97 6.10
CA ALA B 336 5.80 10.10 6.91
C ALA B 336 6.27 11.42 6.33
N THR B 337 7.52 11.46 5.85
CA THR B 337 8.02 12.70 5.26
C THR B 337 7.32 13.00 3.94
N TRP B 338 7.02 11.96 3.16
CA TRP B 338 6.23 12.14 1.94
C TRP B 338 4.85 12.72 2.26
N THR B 339 4.16 12.14 3.25
CA THR B 339 2.89 12.70 3.71
C THR B 339 3.03 14.17 4.09
N MET B 340 4.05 14.49 4.89
CA MET B 340 4.28 15.87 5.28
C MET B 340 4.45 16.77 4.06
N SER B 341 5.21 16.31 3.07
CA SER B 341 5.41 17.10 1.87
C SER B 341 4.09 17.40 1.18
N ASN B 342 3.17 16.45 1.21
CA ASN B 342 1.86 16.72 0.61
C ASN B 342 0.93 17.47 1.53
N ILE B 343 1.33 17.71 2.79
CA ILE B 343 0.58 18.64 3.63
C ILE B 343 1.15 20.06 3.52
N THR B 344 2.48 20.20 3.40
CA THR B 344 3.05 21.53 3.21
C THR B 344 2.80 22.09 1.81
N ALA B 345 2.21 21.29 0.92
CA ALA B 345 1.80 21.76 -0.39
C ALA B 345 0.41 22.38 -0.38
N GLY B 346 -0.26 22.39 0.76
CA GLY B 346 -1.62 22.89 0.87
C GLY B 346 -1.68 24.35 1.25
N ARG B 347 -2.78 24.71 1.92
CA ARG B 347 -3.07 26.10 2.24
C ARG B 347 -2.18 26.61 3.37
N GLN B 348 -2.10 27.94 3.47
CA GLN B 348 -1.25 28.55 4.48
C GLN B 348 -1.72 28.24 5.89
N ASP B 349 -3.03 28.10 6.11
CA ASP B 349 -3.51 27.68 7.43
C ASP B 349 -3.09 26.24 7.74
N GLN B 350 -2.93 25.41 6.70
CA GLN B 350 -2.47 24.04 6.91
C GLN B 350 -0.96 24.01 7.19
N ILE B 351 -0.19 24.81 6.46
CA ILE B 351 1.21 25.01 6.82
C ILE B 351 1.31 25.49 8.26
N GLN B 352 0.38 26.35 8.67
CA GLN B 352 0.42 26.89 10.02
C GLN B 352 0.11 25.80 11.05
N GLN B 353 -0.79 24.87 10.70
CA GLN B 353 -1.01 23.72 11.56
C GLN B 353 0.27 22.90 11.71
N VAL B 354 1.00 22.70 10.61
CA VAL B 354 2.29 22.01 10.69
C VAL B 354 3.22 22.76 11.65
N VAL B 355 3.24 24.09 11.55
CA VAL B 355 4.07 24.89 12.45
C VAL B 355 3.66 24.68 13.90
N ASN B 356 2.36 24.84 14.18
CA ASN B 356 1.86 24.81 15.56
C ASN B 356 2.16 23.49 16.23
N HIS B 357 2.14 22.39 15.49
CA HIS B 357 2.38 21.08 16.07
C HIS B 357 3.85 20.82 16.32
N GLY B 358 4.72 21.78 16.01
CA GLY B 358 6.14 21.63 16.26
C GLY B 358 6.86 20.75 15.28
N LEU B 359 6.35 20.62 14.06
CA LEU B 359 6.89 19.64 13.12
C LEU B 359 8.00 20.19 12.24
N VAL B 360 8.19 21.50 12.15
CA VAL B 360 9.28 22.04 11.35
C VAL B 360 10.63 21.58 11.89
N PRO B 361 10.88 21.60 13.20
CA PRO B 361 12.16 21.03 13.70
C PRO B 361 12.35 19.58 13.32
N PHE B 362 11.28 18.78 13.26
CA PHE B 362 11.43 17.39 12.85
C PHE B 362 11.78 17.29 11.36
N LEU B 363 11.23 18.18 10.54
CA LEU B 363 11.63 18.22 9.14
C LEU B 363 13.09 18.64 9.00
N VAL B 364 13.54 19.59 9.81
CA VAL B 364 14.95 19.95 9.83
C VAL B 364 15.79 18.74 10.19
N GLY B 365 15.34 17.98 11.19
CA GLY B 365 16.09 16.80 11.61
C GLY B 365 16.20 15.77 10.51
N VAL B 366 15.08 15.49 9.83
CA VAL B 366 15.11 14.50 8.75
C VAL B 366 15.97 14.99 7.59
N LEU B 367 15.94 16.29 7.31
CA LEU B 367 16.83 16.84 6.30
C LEU B 367 18.29 16.70 6.72
N SER B 368 18.56 16.80 8.01
CA SER B 368 19.94 16.75 8.50
C SER B 368 20.50 15.34 8.46
N LYS B 369 19.69 14.34 8.82
CA LYS B 369 20.19 12.97 8.93
C LYS B 369 19.04 12.00 8.71
N ALA B 370 19.13 11.20 7.66
CA ALA B 370 18.12 10.20 7.33
C ALA B 370 18.64 9.42 6.13
N ASP B 371 17.96 8.32 5.83
CA ASP B 371 18.15 7.67 4.53
C ASP B 371 17.93 8.71 3.44
N PHE B 372 18.73 8.60 2.37
CA PHE B 372 18.70 9.64 1.35
C PHE B 372 17.31 9.81 0.75
N LYS B 373 16.57 8.72 0.55
CA LYS B 373 15.23 8.83 0.00
C LYS B 373 14.34 9.67 0.91
N THR B 374 14.47 9.47 2.22
CA THR B 374 13.74 10.29 3.18
C THR B 374 14.18 11.74 3.10
N GLN B 375 15.49 11.98 2.93
CA GLN B 375 15.98 13.34 2.80
C GLN B 375 15.41 14.01 1.55
N LYS B 376 15.27 13.27 0.46
CA LYS B 376 14.67 13.82 -0.75
C LYS B 376 13.21 14.19 -0.52
N GLU B 377 12.47 13.31 0.17
CA GLU B 377 11.10 13.68 0.53
C GLU B 377 11.08 14.93 1.41
N ALA B 378 12.07 15.09 2.29
CA ALA B 378 12.10 16.25 3.16
C ALA B 378 12.39 17.51 2.35
N ALA B 379 13.30 17.42 1.39
CA ALA B 379 13.55 18.56 0.50
C ALA B 379 12.29 18.94 -0.26
N TRP B 380 11.53 17.95 -0.73
CA TRP B 380 10.24 18.24 -1.35
C TRP B 380 9.31 18.97 -0.38
N ALA B 381 9.23 18.48 0.86
CA ALA B 381 8.37 19.12 1.85
C ALA B 381 8.78 20.58 2.05
N ILE B 382 10.08 20.84 2.09
CA ILE B 382 10.57 22.20 2.28
C ILE B 382 10.23 23.08 1.08
N THR B 383 10.43 22.56 -0.12
CA THR B 383 10.14 23.36 -1.31
C THR B 383 8.64 23.69 -1.38
N ASN B 384 7.78 22.73 -1.04
CA ASN B 384 6.35 23.00 -1.03
C ASN B 384 6.01 24.05 0.03
N TYR B 385 6.56 23.88 1.24
CA TYR B 385 6.39 24.86 2.30
C TYR B 385 6.74 26.26 1.81
N THR B 386 7.93 26.41 1.24
CA THR B 386 8.42 27.73 0.85
C THR B 386 7.63 28.28 -0.34
N SER B 387 7.11 27.41 -1.20
CA SER B 387 6.30 27.87 -2.31
C SER B 387 4.94 28.37 -1.86
N GLY B 388 4.37 27.78 -0.82
CA GLY B 388 3.03 28.15 -0.42
C GLY B 388 2.93 29.03 0.81
N GLY B 389 4.03 29.12 1.57
CA GLY B 389 3.95 29.74 2.87
C GLY B 389 3.99 31.26 2.82
N THR B 390 3.54 31.86 3.91
CA THR B 390 3.67 33.30 4.12
C THR B 390 5.13 33.66 4.35
N VAL B 391 5.40 34.96 4.37
CA VAL B 391 6.75 35.43 4.69
C VAL B 391 7.12 35.04 6.11
N GLU B 392 6.20 35.23 7.05
CA GLU B 392 6.48 34.89 8.44
C GLU B 392 6.76 33.40 8.60
N GLN B 393 6.03 32.56 7.88
CA GLN B 393 6.26 31.12 7.97
C GLN B 393 7.63 30.74 7.41
N ILE B 394 8.06 31.40 6.34
CA ILE B 394 9.39 31.12 5.79
C ILE B 394 10.49 31.63 6.73
N VAL B 395 10.27 32.78 7.33
CA VAL B 395 11.20 33.28 8.35
C VAL B 395 11.34 32.25 9.46
N TYR B 396 10.20 31.76 9.97
CA TYR B 396 10.24 30.74 11.01
C TYR B 396 11.04 29.52 10.56
N LEU B 397 10.78 29.06 9.33
CA LEU B 397 11.53 27.95 8.77
C LEU B 397 13.03 28.20 8.87
N VAL B 398 13.47 29.40 8.47
CA VAL B 398 14.90 29.70 8.54
C VAL B 398 15.39 29.69 9.99
N HIS B 399 14.60 30.25 10.91
CA HIS B 399 15.02 30.29 12.30
C HIS B 399 15.14 28.90 12.92
N CYS B 400 14.48 27.90 12.36
CA CYS B 400 14.61 26.53 12.86
C CYS B 400 15.85 25.82 12.35
N GLY B 401 16.61 26.46 11.44
CA GLY B 401 17.87 25.92 11.00
C GLY B 401 17.85 25.15 9.70
N ILE B 402 17.00 25.52 8.73
CA ILE B 402 16.86 24.72 7.53
C ILE B 402 18.05 24.92 6.58
N ILE B 403 18.71 26.07 6.66
CA ILE B 403 19.65 26.47 5.61
C ILE B 403 20.83 25.51 5.54
N GLU B 404 21.47 25.24 6.68
CA GLU B 404 22.68 24.41 6.65
C GLU B 404 22.43 23.02 6.10
N PRO B 405 21.45 22.25 6.59
CA PRO B 405 21.21 20.94 5.99
C PRO B 405 20.78 21.02 4.53
N LEU B 406 19.99 22.04 4.19
CA LEU B 406 19.63 22.26 2.80
C LEU B 406 20.89 22.37 1.93
N MET B 407 21.84 23.19 2.36
CA MET B 407 23.07 23.36 1.60
C MET B 407 23.88 22.07 1.56
N ASN B 408 24.01 21.40 2.70
CA ASN B 408 24.78 20.15 2.72
C ASN B 408 24.24 19.15 1.72
N LEU B 409 22.94 19.17 1.48
CA LEU B 409 22.38 18.23 0.51
C LEU B 409 22.68 18.60 -0.94
N LEU B 410 23.32 19.74 -1.21
CA LEU B 410 23.60 20.12 -2.58
C LEU B 410 24.77 19.35 -3.19
N SER B 411 25.56 18.66 -2.38
CA SER B 411 26.64 17.82 -2.88
C SER B 411 26.18 16.41 -3.22
N ALA B 412 24.87 16.17 -3.25
CA ALA B 412 24.34 14.86 -3.59
C ALA B 412 24.40 14.62 -5.09
N LYS B 413 24.50 13.34 -5.46
CA LYS B 413 24.62 12.94 -6.86
C LYS B 413 23.26 12.78 -7.54
N ASP B 414 22.22 13.42 -7.02
CA ASP B 414 20.86 13.31 -7.54
C ASP B 414 20.45 14.66 -8.10
N THR B 415 20.10 14.70 -9.39
CA THR B 415 19.78 15.97 -10.03
C THR B 415 18.47 16.54 -9.51
N LYS B 416 17.48 15.67 -9.28
CA LYS B 416 16.16 16.16 -8.91
C LYS B 416 16.19 16.86 -7.55
N ILE B 417 16.87 16.27 -6.56
CA ILE B 417 16.93 16.91 -5.24
C ILE B 417 17.66 18.24 -5.34
N ILE B 418 18.65 18.35 -6.22
CA ILE B 418 19.35 19.62 -6.40
C ILE B 418 18.40 20.67 -6.95
N GLN B 419 17.64 20.32 -7.99
CA GLN B 419 16.64 21.24 -8.52
C GLN B 419 15.67 21.68 -7.42
N VAL B 420 15.19 20.73 -6.62
CA VAL B 420 14.21 21.03 -5.58
C VAL B 420 14.81 21.99 -4.55
N ILE B 421 16.05 21.71 -4.13
CA ILE B 421 16.71 22.56 -3.13
C ILE B 421 16.91 23.96 -3.67
N LEU B 422 17.30 24.07 -4.95
CA LEU B 422 17.51 25.39 -5.54
C LEU B 422 16.20 26.16 -5.62
N ASP B 423 15.11 25.50 -5.97
CA ASP B 423 13.81 26.16 -5.94
C ASP B 423 13.47 26.65 -4.53
N ALA B 424 13.74 25.82 -3.52
CA ALA B 424 13.52 26.22 -2.13
C ALA B 424 14.31 27.47 -1.79
N ILE B 425 15.60 27.48 -2.14
CA ILE B 425 16.46 28.61 -1.85
C ILE B 425 15.94 29.87 -2.55
N SER B 426 15.47 29.71 -3.79
CA SER B 426 14.91 30.85 -4.50
C SER B 426 13.68 31.41 -3.79
N ASN B 427 12.80 30.52 -3.31
CA ASN B 427 11.62 30.99 -2.58
C ASN B 427 12.02 31.73 -1.32
N ILE B 428 13.03 31.21 -0.60
CA ILE B 428 13.46 31.84 0.63
C ILE B 428 14.06 33.21 0.33
N PHE B 429 14.89 33.30 -0.72
CA PHE B 429 15.43 34.59 -1.14
C PHE B 429 14.34 35.56 -1.52
N GLN B 430 13.27 35.08 -2.15
CA GLN B 430 12.14 35.95 -2.47
C GLN B 430 11.53 36.53 -1.19
N ALA B 431 11.33 35.68 -0.17
CA ALA B 431 10.83 36.19 1.10
C ALA B 431 11.80 37.22 1.69
N ALA B 432 13.10 36.97 1.58
CA ALA B 432 14.10 37.89 2.12
C ALA B 432 14.04 39.24 1.41
N GLU B 433 13.96 39.22 0.08
CA GLU B 433 13.72 40.45 -0.67
C GLU B 433 12.52 41.19 -0.12
N LYS B 434 11.38 40.48 0.00
CA LYS B 434 10.19 41.11 0.54
C LYS B 434 10.47 41.73 1.91
N LEU B 435 11.43 41.20 2.65
CA LEU B 435 11.83 41.78 3.92
C LEU B 435 13.06 42.69 3.83
N GLY B 436 13.69 42.78 2.67
CA GLY B 436 14.93 43.54 2.56
C GLY B 436 16.09 42.94 3.31
N GLU B 437 16.15 41.60 3.40
CA GLU B 437 17.15 40.90 4.20
C GLU B 437 17.97 39.92 3.35
N THR B 438 18.04 40.15 2.04
CA THR B 438 18.75 39.22 1.18
C THR B 438 20.22 39.10 1.57
N GLU B 439 20.80 40.16 2.13
CA GLU B 439 22.21 40.09 2.53
C GLU B 439 22.40 39.16 3.71
N LYS B 440 21.51 39.23 4.70
CA LYS B 440 21.56 38.30 5.82
C LYS B 440 21.54 36.85 5.32
N LEU B 441 20.64 36.55 4.38
CA LEU B 441 20.53 35.20 3.86
C LEU B 441 21.76 34.82 3.05
N SER B 442 22.30 35.75 2.26
CA SER B 442 23.52 35.50 1.51
C SER B 442 24.65 35.13 2.47
N ILE B 443 24.79 35.89 3.56
CA ILE B 443 25.83 35.62 4.54
C ILE B 443 25.63 34.27 5.19
N MET B 444 24.38 33.96 5.55
CA MET B 444 24.08 32.67 6.18
C MET B 444 24.48 31.53 5.26
N ILE B 445 24.13 31.62 3.98
CA ILE B 445 24.49 30.58 3.02
C ILE B 445 26.00 30.51 2.84
N GLU B 446 26.67 31.66 2.87
CA GLU B 446 28.12 31.67 2.67
C GLU B 446 28.85 31.05 3.86
N GLU B 447 28.36 31.29 5.07
CA GLU B 447 29.04 30.84 6.28
C GLU B 447 29.02 29.32 6.44
N CYS B 448 28.05 28.63 5.85
CA CYS B 448 27.94 27.18 5.98
C CYS B 448 28.43 26.44 4.75
N GLY B 449 29.06 27.13 3.80
CA GLY B 449 29.60 26.48 2.62
C GLY B 449 28.63 26.35 1.47
N GLY B 450 27.45 26.98 1.54
CA GLY B 450 26.48 26.86 0.46
C GLY B 450 26.90 27.60 -0.79
N LEU B 451 27.60 28.72 -0.63
CA LEU B 451 27.98 29.51 -1.79
C LEU B 451 28.96 28.75 -2.66
N ASP B 452 29.92 28.05 -2.06
CA ASP B 452 30.83 27.21 -2.83
C ASP B 452 30.06 26.18 -3.65
N LYS B 453 29.10 25.51 -3.02
CA LYS B 453 28.34 24.48 -3.72
C LYS B 453 27.52 25.07 -4.87
N ILE B 454 26.91 26.23 -4.65
CA ILE B 454 26.09 26.83 -5.70
C ILE B 454 26.96 27.29 -6.87
N GLU B 455 28.10 27.94 -6.57
CA GLU B 455 29.00 28.35 -7.64
C GLU B 455 29.53 27.14 -8.39
N ALA B 456 29.78 26.03 -7.70
CA ALA B 456 30.19 24.81 -8.37
C ALA B 456 29.08 24.29 -9.27
N LEU B 457 27.83 24.36 -8.81
CA LEU B 457 26.71 23.89 -9.62
C LEU B 457 26.52 24.75 -10.87
N GLN B 458 26.95 26.01 -10.82
CA GLN B 458 26.89 26.87 -12.02
C GLN B 458 27.38 26.14 -13.26
N ARG B 459 28.30 25.19 -13.10
CA ARG B 459 28.90 24.45 -14.21
C ARG B 459 28.49 22.98 -14.07
N HIS B 460 27.21 22.71 -14.25
CA HIS B 460 26.63 21.39 -14.04
C HIS B 460 26.01 20.90 -15.34
N GLU B 461 25.99 19.57 -15.50
CA GLU B 461 25.41 18.94 -16.69
C GLU B 461 24.01 19.48 -16.97
N ASN B 462 23.08 19.25 -16.04
CA ASN B 462 21.68 19.58 -16.28
C ASN B 462 21.52 21.07 -16.56
N GLU B 463 20.51 21.39 -17.37
CA GLU B 463 20.30 22.77 -17.79
C GLU B 463 19.65 23.59 -16.68
N SER B 464 18.53 23.09 -16.13
CA SER B 464 17.84 23.82 -15.07
C SER B 464 18.77 24.09 -13.90
N VAL B 465 19.63 23.13 -13.56
CA VAL B 465 20.55 23.30 -12.44
C VAL B 465 21.44 24.51 -12.68
N TYR B 466 22.17 24.51 -13.80
CA TYR B 466 23.14 25.58 -14.02
C TYR B 466 22.44 26.92 -14.19
N LYS B 467 21.27 26.94 -14.82
CA LYS B 467 20.54 28.19 -14.98
C LYS B 467 20.13 28.76 -13.62
N ALA B 468 19.53 27.91 -12.77
CA ALA B 468 19.08 28.40 -11.46
C ALA B 468 20.25 28.83 -10.60
N SER B 469 21.36 28.07 -10.62
CA SER B 469 22.51 28.43 -9.80
C SER B 469 23.16 29.71 -10.27
N LEU B 470 23.32 29.88 -11.60
CA LEU B 470 23.86 31.13 -12.12
C LEU B 470 22.96 32.31 -11.78
N ASN B 471 21.64 32.11 -11.87
CA ASN B 471 20.71 33.16 -11.45
C ASN B 471 20.93 33.53 -9.99
N LEU B 472 21.01 32.54 -9.11
CA LEU B 472 21.22 32.83 -7.69
C LEU B 472 22.51 33.62 -7.48
N ILE B 473 23.60 33.16 -8.08
CA ILE B 473 24.88 33.85 -7.94
C ILE B 473 24.75 35.29 -8.39
N GLU B 474 24.35 35.49 -9.64
CA GLU B 474 24.27 36.84 -10.20
C GLU B 474 23.36 37.73 -9.37
N LYS B 475 22.30 37.18 -8.79
CA LYS B 475 21.27 37.98 -8.15
C LYS B 475 21.60 38.33 -6.70
N TYR B 476 22.26 37.45 -5.95
CA TYR B 476 22.44 37.66 -4.52
C TYR B 476 23.89 37.55 -4.03
N PHE B 477 24.84 37.21 -4.90
CA PHE B 477 26.22 37.03 -4.48
C PHE B 477 27.16 37.80 -5.40
N SER B 478 26.77 39.02 -5.76
CA SER B 478 27.58 39.87 -6.63
C SER B 478 27.80 41.24 -5.99
#